data_4EMN
#
_entry.id   4EMN
#
_cell.length_a   42.545
_cell.length_b   50.733
_cell.length_c   66.421
_cell.angle_alpha   90.00
_cell.angle_beta   104.09
_cell.angle_gamma   90.00
#
_symmetry.space_group_name_H-M   'P 1 21 1'
#
loop_
_entity.id
_entity.type
_entity.pdbx_description
1 polymer 'Probable resuscitation-promoting factor rpfB'
2 non-polymer BENZAMIDINE
3 non-polymer 'SULFATE ION'
4 water water
#
_entity_poly.entity_id   1
_entity_poly.type   'polypeptide(L)'
_entity_poly.pdbx_seq_one_letter_code
;GSIWDAIAGCEAGGNWAINTGNGYYGGVQFDQGTWEANGGLRYAPRADLATREEQIAVAEVTRLRQGWGAWPVCAARAGA
R
;
_entity_poly.pdbx_strand_id   A,B,C,D
#
# COMPACT_ATOMS: atom_id res chain seq x y z
N GLY A 1 -5.01 -14.68 16.30
CA GLY A 1 -3.87 -14.09 15.59
C GLY A 1 -2.54 -14.22 16.33
N SER A 2 -1.43 -14.07 15.63
CA SER A 2 -0.06 -14.04 16.05
C SER A 2 0.64 -12.88 15.33
N ILE A 3 1.78 -12.42 15.87
CA ILE A 3 2.62 -11.49 15.14
C ILE A 3 2.97 -12.01 13.75
N TRP A 4 3.04 -13.33 13.61
CA TRP A 4 3.43 -13.96 12.37
C TRP A 4 2.39 -13.73 11.28
N ASP A 5 1.14 -13.43 11.64
CA ASP A 5 0.14 -13.18 10.60
C ASP A 5 0.46 -11.91 9.85
N ALA A 6 0.96 -10.86 10.49
CA ALA A 6 1.37 -9.66 9.80
C ALA A 6 2.58 -9.95 8.91
N ILE A 7 3.49 -10.80 9.41
CA ILE A 7 4.61 -11.17 8.50
C ILE A 7 4.12 -11.93 7.29
N ALA A 8 3.19 -12.88 7.48
CA ALA A 8 2.65 -13.64 6.40
C ALA A 8 1.79 -12.81 5.46
N GLY A 9 1.14 -11.74 5.93
CA GLY A 9 0.43 -10.87 5.00
C GLY A 9 1.43 -10.24 4.05
N CYS A 10 2.55 -9.79 4.58
CA CYS A 10 3.62 -9.13 3.85
C CYS A 10 4.36 -10.09 2.91
N GLU A 11 4.64 -11.28 3.44
CA GLU A 11 5.43 -12.25 2.66
C GLU A 11 4.64 -13.05 1.65
N ALA A 12 3.37 -13.29 1.92
CA ALA A 12 2.64 -14.30 1.17
C ALA A 12 1.21 -13.90 0.93
N GLY A 13 0.81 -12.66 1.24
CA GLY A 13 -0.60 -12.32 1.10
C GLY A 13 -1.50 -13.16 1.98
N GLY A 14 -0.99 -13.69 3.11
CA GLY A 14 -1.79 -14.44 4.04
C GLY A 14 -2.08 -15.87 3.56
N ASN A 15 -1.41 -16.34 2.51
CA ASN A 15 -1.57 -17.70 2.01
C ASN A 15 -0.39 -18.51 2.46
N TRP A 16 -0.60 -19.27 3.56
CA TRP A 16 0.53 -20.04 4.10
C TRP A 16 0.93 -21.26 3.27
N ALA A 17 0.23 -21.59 2.22
CA ALA A 17 0.54 -22.71 1.33
C ALA A 17 1.14 -22.26 0.00
N ILE A 18 1.55 -20.99 -0.08
CA ILE A 18 2.09 -20.53 -1.35
C ILE A 18 3.39 -21.23 -1.70
N ASN A 19 3.56 -21.52 -3.00
CA ASN A 19 4.72 -22.23 -3.57
C ASN A 19 4.82 -21.82 -5.01
N THR A 20 5.42 -20.64 -5.18
CA THR A 20 5.41 -20.00 -6.50
C THR A 20 6.60 -20.37 -7.36
N GLY A 21 7.62 -20.99 -6.79
CA GLY A 21 8.81 -21.36 -7.54
C GLY A 21 9.97 -20.37 -7.44
N ASN A 22 9.86 -19.43 -6.51
CA ASN A 22 10.85 -18.38 -6.35
C ASN A 22 11.97 -18.73 -5.38
N GLY A 23 12.06 -20.01 -4.98
CA GLY A 23 13.10 -20.37 -3.99
C GLY A 23 12.68 -20.24 -2.53
N TYR A 24 11.45 -19.79 -2.32
CA TYR A 24 10.88 -19.58 -0.99
C TYR A 24 9.52 -20.27 -0.93
N TYR A 25 9.11 -20.65 0.27
CA TYR A 25 7.92 -21.45 0.46
C TYR A 25 7.08 -21.05 1.65
N GLY A 26 5.75 -21.04 1.43
CA GLY A 26 4.83 -20.85 2.52
C GLY A 26 4.70 -19.45 3.05
N GLY A 27 3.99 -19.31 4.17
CA GLY A 27 3.53 -18.01 4.63
C GLY A 27 4.60 -17.06 5.04
N VAL A 28 5.79 -17.54 5.49
CA VAL A 28 6.84 -16.61 5.85
C VAL A 28 8.05 -16.78 4.93
N GLN A 29 7.85 -17.45 3.80
CA GLN A 29 8.81 -17.49 2.69
C GLN A 29 10.14 -18.05 3.15
N PHE A 30 10.10 -19.21 3.86
CA PHE A 30 11.36 -19.90 4.11
C PHE A 30 12.01 -20.39 2.83
N ASP A 31 13.34 -20.34 2.77
CA ASP A 31 14.01 -21.14 1.75
C ASP A 31 14.13 -22.58 2.29
N GLN A 32 14.41 -23.54 1.43
CA GLN A 32 14.43 -24.92 1.91
C GLN A 32 15.55 -25.17 2.92
N GLY A 33 16.71 -24.55 2.72
CA GLY A 33 17.77 -24.82 3.68
C GLY A 33 17.38 -24.39 5.10
N THR A 34 16.75 -23.21 5.22
CA THR A 34 16.31 -22.73 6.52
C THR A 34 15.21 -23.61 7.10
N TRP A 35 14.26 -24.00 6.28
CA TRP A 35 13.23 -24.92 6.73
C TRP A 35 13.84 -26.14 7.40
N GLU A 36 14.78 -26.77 6.66
CA GLU A 36 15.38 -28.04 7.18
C GLU A 36 16.28 -27.73 8.38
N ALA A 37 17.07 -26.67 8.37
CA ALA A 37 18.01 -26.40 9.46
C ALA A 37 17.33 -26.09 10.79
N ASN A 38 16.08 -25.63 10.76
CA ASN A 38 15.37 -25.23 11.96
C ASN A 38 14.33 -26.26 12.32
N GLY A 39 14.41 -27.49 11.76
CA GLY A 39 13.59 -28.63 12.23
C GLY A 39 12.34 -28.89 11.45
N GLY A 40 12.16 -28.25 10.29
CA GLY A 40 10.91 -28.34 9.59
C GLY A 40 10.53 -29.68 9.00
N LEU A 41 11.54 -30.53 8.69
CA LEU A 41 11.22 -31.85 8.11
C LEU A 41 10.42 -32.71 9.08
N ARG A 42 10.45 -32.41 10.36
CA ARG A 42 9.63 -33.14 11.33
C ARG A 42 8.15 -32.90 11.08
N TYR A 43 7.84 -31.76 10.43
CA TYR A 43 6.44 -31.46 10.19
C TYR A 43 6.02 -31.77 8.77
N ALA A 44 6.83 -31.42 7.76
CA ALA A 44 6.40 -31.60 6.39
C ALA A 44 7.59 -31.42 5.46
N PRO A 45 7.54 -31.90 4.23
CA PRO A 45 8.75 -31.83 3.37
C PRO A 45 9.21 -30.41 3.06
N ARG A 46 8.28 -29.47 3.00
CA ARG A 46 8.61 -28.06 2.71
C ARG A 46 7.69 -27.24 3.57
N ALA A 47 8.05 -25.97 3.76
CA ALA A 47 7.21 -25.09 4.64
C ALA A 47 5.78 -24.99 4.12
N ASP A 48 5.59 -24.92 2.80
CA ASP A 48 4.24 -24.69 2.28
C ASP A 48 3.34 -25.90 2.48
N LEU A 49 3.96 -27.05 2.79
CA LEU A 49 3.16 -28.28 3.01
C LEU A 49 2.85 -28.49 4.48
N ALA A 50 3.36 -27.65 5.35
CA ALA A 50 3.14 -27.65 6.78
C ALA A 50 2.01 -26.70 7.11
N THR A 51 1.36 -26.93 8.25
CA THR A 51 0.27 -26.00 8.62
C THR A 51 0.85 -24.66 9.08
N ARG A 52 0.02 -23.62 9.11
CA ARG A 52 0.41 -22.36 9.71
C ARG A 52 1.06 -22.53 11.08
N GLU A 53 0.47 -23.37 11.94
CA GLU A 53 1.02 -23.51 13.30
C GLU A 53 2.41 -24.13 13.26
N GLU A 54 2.59 -25.11 12.38
CA GLU A 54 3.92 -25.75 12.27
C GLU A 54 4.92 -24.77 11.69
N GLN A 55 4.49 -23.99 10.63
CA GLN A 55 5.41 -23.00 10.08
C GLN A 55 5.78 -21.97 11.14
N ILE A 56 4.80 -21.54 11.96
CA ILE A 56 5.12 -20.60 13.04
C ILE A 56 6.08 -21.22 14.02
N ALA A 57 5.94 -22.50 14.38
CA ALA A 57 6.85 -23.15 15.33
C ALA A 57 8.28 -23.09 14.79
N VAL A 58 8.44 -23.41 13.51
CA VAL A 58 9.80 -23.35 12.94
C VAL A 58 10.30 -21.93 12.84
N ALA A 59 9.36 -21.00 12.51
CA ALA A 59 9.72 -19.60 12.43
C ALA A 59 10.21 -19.07 13.78
N GLU A 60 9.63 -19.54 14.88
CA GLU A 60 10.10 -19.10 16.22
C GLU A 60 11.54 -19.52 16.47
N VAL A 61 11.84 -20.78 16.12
CA VAL A 61 13.20 -21.25 16.26
C VAL A 61 14.13 -20.44 15.36
N THR A 62 13.70 -20.21 14.13
CA THR A 62 14.48 -19.43 13.15
C THR A 62 14.74 -18.00 13.63
N ARG A 63 13.71 -17.37 14.18
CA ARG A 63 13.86 -16.00 14.68
C ARG A 63 14.83 -16.01 15.85
N LEU A 64 14.74 -17.03 16.72
CA LEU A 64 15.64 -17.01 17.89
C LEU A 64 17.06 -17.17 17.42
N ARG A 65 17.32 -18.04 16.45
CA ARG A 65 18.69 -18.32 16.03
C ARG A 65 19.18 -17.19 15.16
N GLN A 66 18.34 -16.57 14.35
CA GLN A 66 18.85 -15.73 13.26
C GLN A 66 18.41 -14.28 13.35
N GLY A 67 17.41 -13.96 14.17
CA GLY A 67 16.93 -12.62 14.33
C GLY A 67 15.74 -12.27 13.45
N TRP A 68 15.01 -11.23 13.92
CA TRP A 68 13.96 -10.67 13.06
C TRP A 68 14.50 -10.13 11.76
N GLY A 69 15.77 -9.71 11.70
CA GLY A 69 16.32 -9.19 10.45
C GLY A 69 16.36 -10.19 9.32
N ALA A 70 16.10 -11.49 9.58
CA ALA A 70 15.94 -12.42 8.43
C ALA A 70 14.73 -12.08 7.58
N TRP A 71 13.76 -11.37 8.12
CA TRP A 71 12.65 -10.79 7.38
C TRP A 71 12.78 -9.27 7.51
N PRO A 72 13.80 -8.68 6.87
CA PRO A 72 14.16 -7.28 7.17
C PRO A 72 13.03 -6.27 6.94
N VAL A 73 12.19 -6.48 5.94
CA VAL A 73 11.04 -5.61 5.70
C VAL A 73 9.80 -6.19 6.35
N CYS A 74 9.48 -7.48 6.13
CA CYS A 74 8.16 -7.91 6.66
C CYS A 74 8.14 -7.98 8.16
N ALA A 75 9.22 -8.22 8.88
CA ALA A 75 9.19 -8.17 10.35
C ALA A 75 9.01 -6.74 10.82
N ALA A 76 9.51 -5.75 10.07
CA ALA A 76 9.24 -4.36 10.36
C ALA A 76 7.76 -4.05 10.20
N ARG A 77 7.13 -4.58 9.15
CA ARG A 77 5.71 -4.35 8.90
C ARG A 77 4.88 -4.92 10.05
N ALA A 78 5.35 -5.91 10.80
CA ALA A 78 4.68 -6.56 11.90
C ALA A 78 5.02 -5.85 13.21
N GLY A 79 5.86 -4.83 13.19
CA GLY A 79 6.18 -4.04 14.37
C GLY A 79 7.41 -4.55 15.11
N ALA A 80 8.09 -5.59 14.62
CA ALA A 80 9.17 -6.20 15.37
C ALA A 80 10.51 -5.60 15.00
N ARG A 81 10.70 -4.66 14.03
CA ARG A 81 12.20 -4.57 13.95
C ARG A 81 12.91 -3.69 14.95
N SER B 2 5.32 -14.69 -23.59
CA SER B 2 4.64 -14.76 -22.30
C SER B 2 5.67 -15.23 -21.28
N ILE B 3 6.97 -15.00 -21.59
CA ILE B 3 7.89 -15.39 -20.50
C ILE B 3 7.58 -14.58 -19.23
N TRP B 4 7.05 -13.36 -19.35
CA TRP B 4 6.74 -12.55 -18.18
C TRP B 4 5.55 -13.10 -17.44
N ASP B 5 4.69 -13.91 -18.10
CA ASP B 5 3.67 -14.63 -17.31
C ASP B 5 4.31 -15.67 -16.42
N ALA B 6 5.33 -16.39 -16.88
CA ALA B 6 6.03 -17.33 -16.02
C ALA B 6 6.69 -16.56 -14.88
N ILE B 7 7.35 -15.44 -15.19
CA ILE B 7 7.95 -14.68 -14.07
C ILE B 7 6.94 -14.16 -13.10
N ALA B 8 5.76 -13.73 -13.55
CA ALA B 8 4.73 -13.25 -12.63
C ALA B 8 4.15 -14.39 -11.83
N GLY B 9 4.14 -15.60 -12.38
CA GLY B 9 3.71 -16.75 -11.55
C GLY B 9 4.69 -16.94 -10.42
N CYS B 10 5.97 -16.85 -10.71
CA CYS B 10 7.04 -17.01 -9.72
C CYS B 10 7.11 -15.86 -8.72
N GLU B 11 6.89 -14.63 -9.18
CA GLU B 11 7.04 -13.47 -8.28
C GLU B 11 5.78 -13.17 -7.51
N ALA B 12 4.60 -13.45 -8.07
CA ALA B 12 3.35 -12.92 -7.52
C ALA B 12 2.22 -13.91 -7.59
N GLY B 13 2.52 -15.18 -7.90
CA GLY B 13 1.39 -16.11 -8.03
C GLY B 13 0.48 -15.77 -9.19
N GLY B 14 0.93 -14.98 -10.18
CA GLY B 14 0.04 -14.65 -11.29
C GLY B 14 -0.85 -13.45 -10.96
N ASN B 15 -0.72 -12.82 -9.79
CA ASN B 15 -1.55 -11.65 -9.46
C ASN B 15 -0.86 -10.35 -9.85
N TRP B 16 -1.23 -9.76 -10.99
CA TRP B 16 -0.58 -8.55 -11.51
C TRP B 16 -0.89 -7.36 -10.64
N ALA B 17 -1.89 -7.42 -9.75
CA ALA B 17 -2.25 -6.29 -8.87
C ALA B 17 -1.77 -6.53 -7.45
N ILE B 18 -0.83 -7.47 -7.23
CA ILE B 18 -0.50 -7.76 -5.84
C ILE B 18 0.24 -6.62 -5.22
N ASN B 19 -0.06 -6.43 -3.91
CA ASN B 19 0.55 -5.33 -3.16
C ASN B 19 0.51 -5.72 -1.68
N THR B 20 1.51 -6.46 -1.26
CA THR B 20 1.45 -7.10 0.05
C THR B 20 2.07 -6.22 1.14
N GLY B 21 2.78 -5.18 0.75
CA GLY B 21 3.41 -4.30 1.74
C GLY B 21 4.86 -4.68 1.91
N ASN B 22 5.44 -5.57 1.05
CA ASN B 22 6.85 -5.94 1.18
C ASN B 22 7.79 -4.98 0.47
N GLY B 23 7.30 -3.86 -0.04
CA GLY B 23 8.21 -2.94 -0.75
C GLY B 23 8.28 -3.26 -2.24
N TYR B 24 7.61 -4.33 -2.68
CA TYR B 24 7.55 -4.66 -4.11
C TYR B 24 6.10 -4.68 -4.55
N TYR B 25 5.88 -4.49 -5.87
CA TYR B 25 4.54 -4.17 -6.36
C TYR B 25 4.24 -4.90 -7.66
N GLY B 26 3.05 -5.47 -7.75
CA GLY B 26 2.58 -6.01 -9.02
C GLY B 26 3.18 -7.35 -9.38
N GLY B 27 2.80 -7.77 -10.59
CA GLY B 27 3.06 -9.10 -11.05
C GLY B 27 4.53 -9.50 -11.10
N VAL B 28 5.45 -8.59 -11.33
CA VAL B 28 6.88 -8.95 -11.37
C VAL B 28 7.63 -8.30 -10.21
N GLN B 29 6.89 -7.80 -9.21
CA GLN B 29 7.49 -7.37 -7.94
C GLN B 29 8.53 -6.29 -8.14
N PHE B 30 8.17 -5.27 -9.00
CA PHE B 30 9.03 -4.10 -9.04
C PHE B 30 9.17 -3.41 -7.69
N ASP B 31 10.35 -2.85 -7.40
CA ASP B 31 10.38 -1.81 -6.37
C ASP B 31 9.92 -0.51 -7.02
N GLN B 32 9.65 0.49 -6.20
CA GLN B 32 9.14 1.74 -6.79
C GLN B 32 10.23 2.43 -7.60
N GLY B 33 11.47 2.37 -7.15
CA GLY B 33 12.57 3.02 -7.87
C GLY B 33 12.68 2.51 -9.30
N THR B 34 12.58 1.21 -9.51
CA THR B 34 12.75 0.66 -10.87
C THR B 34 11.52 0.99 -11.71
N TRP B 35 10.33 0.90 -11.09
CA TRP B 35 9.10 1.28 -11.78
C TRP B 35 9.27 2.68 -12.39
N GLU B 36 9.70 3.61 -11.51
CA GLU B 36 9.87 4.99 -11.97
C GLU B 36 11.01 5.20 -12.95
N ALA B 37 12.17 4.56 -12.75
CA ALA B 37 13.32 4.78 -13.60
C ALA B 37 13.03 4.34 -15.05
N ASN B 38 12.16 3.35 -15.18
CA ASN B 38 11.96 2.72 -16.52
C ASN B 38 10.60 3.06 -17.08
N GLY B 39 10.02 4.18 -16.63
CA GLY B 39 8.90 4.78 -17.35
C GLY B 39 7.53 4.51 -16.82
N GLY B 40 7.48 3.72 -15.75
CA GLY B 40 6.19 3.28 -15.24
C GLY B 40 5.24 4.35 -14.84
N LEU B 41 5.71 5.51 -14.39
CA LEU B 41 4.78 6.55 -13.94
C LEU B 41 3.96 7.05 -15.13
N ARG B 42 4.40 6.79 -16.37
CA ARG B 42 3.62 7.20 -17.51
C ARG B 42 2.33 6.37 -17.58
N TYR B 43 2.32 5.21 -16.92
CA TYR B 43 1.17 4.32 -16.90
C TYR B 43 0.33 4.40 -15.64
N ALA B 44 0.95 4.44 -14.47
CA ALA B 44 0.23 4.38 -13.21
C ALA B 44 1.19 4.74 -12.08
N PRO B 45 0.64 5.13 -10.96
CA PRO B 45 1.50 5.56 -9.85
C PRO B 45 2.42 4.47 -9.29
N ARG B 46 2.05 3.21 -9.41
CA ARG B 46 2.82 2.05 -8.91
C ARG B 46 2.56 0.92 -9.91
N ALA B 47 3.44 -0.07 -9.91
CA ALA B 47 3.34 -1.19 -10.83
C ALA B 47 2.02 -1.94 -10.66
N ASP B 48 1.56 -2.13 -9.40
CA ASP B 48 0.37 -2.92 -9.17
C ASP B 48 -0.88 -2.22 -9.68
N LEU B 49 -0.80 -0.92 -9.97
CA LEU B 49 -1.99 -0.20 -10.48
C LEU B 49 -2.04 -0.18 -11.98
N ALA B 50 -1.04 -0.70 -12.65
CA ALA B 50 -0.97 -0.73 -14.10
C ALA B 50 -1.52 -2.04 -14.63
N THR B 51 -1.83 -2.05 -15.92
CA THR B 51 -2.32 -3.34 -16.48
C THR B 51 -1.14 -4.30 -16.64
N ARG B 52 -1.49 -5.58 -16.85
CA ARG B 52 -0.45 -6.55 -17.18
C ARG B 52 0.42 -6.08 -18.33
N GLU B 53 -0.18 -5.61 -19.43
CA GLU B 53 0.64 -5.27 -20.60
C GLU B 53 1.50 -4.06 -20.31
N GLU B 54 1.02 -3.10 -19.51
CA GLU B 54 1.86 -1.97 -19.12
C GLU B 54 3.00 -2.42 -18.27
N GLN B 55 2.75 -3.33 -17.30
CA GLN B 55 3.83 -3.85 -16.46
C GLN B 55 4.84 -4.64 -17.31
N ILE B 56 4.39 -5.40 -18.32
CA ILE B 56 5.33 -6.11 -19.20
C ILE B 56 6.17 -5.11 -20.01
N ALA B 57 5.60 -3.99 -20.47
CA ALA B 57 6.38 -2.99 -21.18
C ALA B 57 7.50 -2.45 -20.30
N VAL B 58 7.16 -2.10 -19.04
CA VAL B 58 8.22 -1.61 -18.15
C VAL B 58 9.21 -2.72 -17.84
N ALA B 59 8.77 -3.96 -17.70
CA ALA B 59 9.70 -5.07 -17.49
C ALA B 59 10.61 -5.27 -18.69
N GLU B 60 10.09 -5.10 -19.93
CA GLU B 60 10.96 -5.20 -21.11
C GLU B 60 11.96 -4.08 -21.12
N VAL B 61 11.52 -2.85 -20.78
CA VAL B 61 12.50 -1.76 -20.71
C VAL B 61 13.60 -2.13 -19.70
N THR B 62 13.17 -2.63 -18.53
CA THR B 62 14.10 -3.01 -17.51
C THR B 62 15.07 -4.08 -17.98
N ARG B 63 14.57 -5.13 -18.61
CA ARG B 63 15.48 -6.19 -19.10
C ARG B 63 16.40 -5.67 -20.19
N LEU B 64 15.89 -4.84 -21.10
CA LEU B 64 16.75 -4.31 -22.17
C LEU B 64 17.82 -3.39 -21.57
N ARG B 65 17.50 -2.64 -20.51
CA ARG B 65 18.48 -1.74 -19.93
C ARG B 65 19.37 -2.41 -18.88
N GLN B 66 18.88 -3.37 -18.14
CA GLN B 66 19.59 -3.88 -16.96
C GLN B 66 19.81 -5.36 -16.98
N GLY B 67 19.29 -6.08 -17.97
CA GLY B 67 19.36 -7.53 -17.94
C GLY B 67 18.29 -8.15 -17.09
N TRP B 68 18.40 -9.48 -16.97
CA TRP B 68 17.43 -10.20 -16.16
C TRP B 68 17.83 -10.31 -14.70
N GLY B 69 19.09 -9.97 -14.43
CA GLY B 69 19.62 -10.23 -13.09
C GLY B 69 18.86 -9.51 -12.00
N ALA B 70 17.96 -8.57 -12.27
CA ALA B 70 17.06 -7.97 -11.30
C ALA B 70 16.05 -8.95 -10.70
N TRP B 71 15.79 -10.04 -11.42
CA TRP B 71 14.95 -11.15 -10.97
C TRP B 71 15.83 -12.41 -10.91
N PRO B 72 16.78 -12.45 -9.98
CA PRO B 72 17.83 -13.48 -10.05
C PRO B 72 17.31 -14.89 -9.92
N VAL B 73 16.25 -15.19 -9.18
CA VAL B 73 15.75 -16.55 -9.15
C VAL B 73 14.66 -16.70 -10.23
N CYS B 74 13.67 -15.85 -10.22
CA CYS B 74 12.53 -16.11 -11.10
C CYS B 74 12.87 -15.99 -12.58
N ALA B 75 13.73 -15.07 -13.02
CA ALA B 75 14.09 -15.02 -14.44
C ALA B 75 14.92 -16.24 -14.81
N ALA B 76 15.83 -16.69 -13.94
CA ALA B 76 16.65 -17.87 -14.24
C ALA B 76 15.76 -19.09 -14.37
N ARG B 77 14.80 -19.25 -13.45
CA ARG B 77 13.90 -20.41 -13.60
C ARG B 77 13.01 -20.30 -14.82
N ALA B 78 12.52 -19.11 -15.13
CA ALA B 78 11.63 -18.94 -16.27
C ALA B 78 12.38 -19.27 -17.56
N GLY B 79 13.63 -18.79 -17.66
CA GLY B 79 14.28 -18.77 -18.92
C GLY B 79 14.60 -17.63 -19.81
N ALA B 80 15.62 -16.92 -19.39
CA ALA B 80 16.32 -15.69 -19.60
C ALA B 80 17.08 -15.61 -20.92
N ARG B 81 17.90 -14.56 -21.18
CA ARG B 81 18.92 -14.66 -22.19
C ARG B 81 20.18 -15.30 -21.53
N GLY C 1 -10.88 19.09 14.25
CA GLY C 1 -9.73 18.52 13.53
C GLY C 1 -10.32 17.74 12.37
N SER C 2 -9.48 17.07 11.68
CA SER C 2 -8.03 16.90 12.00
C SER C 2 -7.13 17.90 11.35
N ILE C 3 -6.13 18.37 12.11
CA ILE C 3 -5.11 19.24 11.57
C ILE C 3 -4.41 18.56 10.38
N TRP C 4 -4.22 17.26 10.39
CA TRP C 4 -3.46 16.63 9.32
C TRP C 4 -4.22 16.68 7.98
N ASP C 5 -5.54 16.55 8.03
CA ASP C 5 -6.26 16.61 6.76
C ASP C 5 -6.28 18.06 6.26
N ALA C 6 -6.30 19.04 7.14
CA ALA C 6 -6.17 20.43 6.71
C ALA C 6 -4.81 20.63 6.08
N ILE C 7 -3.75 20.16 6.72
CA ILE C 7 -2.41 20.30 6.15
C ILE C 7 -2.36 19.58 4.80
N ALA C 8 -2.85 18.37 4.71
CA ALA C 8 -2.74 17.62 3.46
C ALA C 8 -3.58 18.24 2.34
N GLY C 9 -4.67 18.94 2.68
CA GLY C 9 -5.50 19.67 1.73
C GLY C 9 -4.62 20.73 1.07
N CYS C 10 -3.80 21.41 1.89
CA CYS C 10 -2.94 22.49 1.41
C CYS C 10 -1.68 21.98 0.73
N GLU C 11 -1.10 20.91 1.26
CA GLU C 11 0.16 20.43 0.73
C GLU C 11 -0.03 19.56 -0.52
N ALA C 12 -1.10 18.82 -0.64
CA ALA C 12 -1.29 17.70 -1.56
C ALA C 12 -2.70 17.55 -2.07
N GLY C 13 -3.60 18.51 -1.84
CA GLY C 13 -4.99 18.36 -2.30
C GLY C 13 -5.68 17.15 -1.71
N GLY C 14 -5.23 16.62 -0.55
CA GLY C 14 -5.90 15.46 0.04
C GLY C 14 -5.52 14.14 -0.56
N ASN C 15 -4.52 14.14 -1.46
CA ASN C 15 -4.05 12.88 -2.07
C ASN C 15 -2.84 12.37 -1.31
N TRP C 16 -3.05 11.39 -0.46
CA TRP C 16 -1.95 10.97 0.38
C TRP C 16 -0.96 10.05 -0.32
N ALA C 17 -1.28 9.69 -1.55
CA ALA C 17 -0.37 8.95 -2.40
C ALA C 17 0.33 9.81 -3.44
N ILE C 18 0.26 11.15 -3.31
CA ILE C 18 0.79 12.05 -4.33
C ILE C 18 2.28 11.84 -4.50
N ASN C 19 2.71 11.87 -5.77
CA ASN C 19 4.11 11.75 -6.09
C ASN C 19 4.27 12.42 -7.45
N THR C 20 4.60 13.72 -7.45
CA THR C 20 4.63 14.47 -8.69
C THR C 20 6.07 14.62 -9.21
N GLY C 21 7.03 13.96 -8.60
CA GLY C 21 8.43 14.04 -9.03
C GLY C 21 9.18 15.26 -8.54
N ASN C 22 8.76 15.88 -7.43
CA ASN C 22 9.27 17.16 -6.93
C ASN C 22 10.16 17.01 -5.70
N GLY C 23 10.59 15.79 -5.39
CA GLY C 23 11.48 15.57 -4.24
C GLY C 23 10.74 15.39 -2.93
N TYR C 24 9.43 15.44 -2.95
CA TYR C 24 8.54 15.27 -1.82
C TYR C 24 7.46 14.24 -2.12
N TYR C 25 6.94 13.59 -1.08
CA TYR C 25 6.10 12.43 -1.25
C TYR C 25 4.93 12.44 -0.28
N GLY C 26 3.75 12.08 -0.76
CA GLY C 26 2.62 11.80 0.11
C GLY C 26 1.88 13.04 0.59
N GLY C 27 0.89 12.82 1.42
CA GLY C 27 -0.07 13.84 1.78
C GLY C 27 0.48 15.04 2.52
N VAL C 28 1.60 14.83 3.24
CA VAL C 28 2.20 15.96 3.94
C VAL C 28 3.59 16.24 3.37
N GLN C 29 3.87 15.72 2.15
CA GLN C 29 5.02 16.13 1.36
C GLN C 29 6.34 15.98 2.10
N PHE C 30 6.49 14.84 2.79
CA PHE C 30 7.80 14.51 3.33
C PHE C 30 8.90 14.46 2.27
N ASP C 31 10.11 14.92 2.60
CA ASP C 31 11.26 14.43 1.81
C ASP C 31 11.70 13.08 2.35
N GLN C 32 12.61 12.42 1.59
CA GLN C 32 13.00 11.07 2.02
C GLN C 32 13.77 11.07 3.32
N GLY C 33 14.70 12.03 3.48
CA GLY C 33 15.46 12.03 4.72
C GLY C 33 14.59 12.07 5.96
N THR C 34 13.58 12.95 5.98
CA THR C 34 12.73 13.09 7.14
C THR C 34 11.91 11.84 7.36
N TRP C 35 11.38 11.27 6.26
CA TRP C 35 10.61 10.05 6.40
C TRP C 35 11.44 8.97 7.09
N GLU C 36 12.70 8.79 6.68
CA GLU C 36 13.56 7.75 7.27
C GLU C 36 13.98 8.09 8.68
N ALA C 37 14.31 9.31 8.98
CA ALA C 37 14.81 9.72 10.29
C ALA C 37 13.75 9.51 11.34
N ASN C 38 12.47 9.59 10.99
CA ASN C 38 11.40 9.58 12.01
C ASN C 38 10.67 8.26 12.00
N GLY C 39 11.28 7.21 11.40
CA GLY C 39 10.74 5.86 11.56
C GLY C 39 9.93 5.36 10.41
N GLY C 40 9.79 6.16 9.33
CA GLY C 40 8.91 5.75 8.27
C GLY C 40 9.21 4.47 7.52
N LEU C 41 10.46 4.02 7.45
CA LEU C 41 10.74 2.77 6.72
C LEU C 41 10.02 1.56 7.30
N ARG C 42 9.64 1.61 8.58
CA ARG C 42 8.88 0.51 9.17
C ARG C 42 7.53 0.35 8.49
N TYR C 43 7.02 1.43 7.92
CA TYR C 43 5.68 1.41 7.31
C TYR C 43 5.75 1.23 5.81
N ALA C 44 6.69 1.91 5.11
CA ALA C 44 6.72 1.80 3.66
C ALA C 44 8.03 2.44 3.17
N PRO C 45 8.49 2.16 1.96
CA PRO C 45 9.78 2.69 1.52
C PRO C 45 9.83 4.21 1.41
N ARG C 46 8.70 4.85 1.23
CA ARG C 46 8.55 6.27 1.06
C ARG C 46 7.17 6.66 1.57
N ALA C 47 7.04 7.94 1.89
CA ALA C 47 5.75 8.38 2.51
C ALA C 47 4.54 8.14 1.63
N ASP C 48 4.66 8.38 0.33
CA ASP C 48 3.54 8.18 -0.56
C ASP C 48 3.10 6.72 -0.67
N LEU C 49 3.96 5.81 -0.23
CA LEU C 49 3.63 4.36 -0.32
C LEU C 49 3.04 3.84 0.98
N ALA C 50 2.87 4.70 1.98
CA ALA C 50 2.29 4.39 3.30
C ALA C 50 0.87 4.86 3.36
N THR C 51 0.09 4.31 4.28
CA THR C 51 -1.27 4.80 4.42
C THR C 51 -1.28 6.21 5.02
N ARG C 52 -2.41 6.88 4.90
CA ARG C 52 -2.61 8.16 5.57
C ARG C 52 -2.22 8.07 7.04
N GLU C 53 -2.72 7.02 7.71
CA GLU C 53 -2.51 6.91 9.17
C GLU C 53 -1.05 6.67 9.48
N GLU C 54 -0.36 5.85 8.71
CA GLU C 54 1.09 5.70 8.90
C GLU C 54 1.83 7.01 8.70
N GLN C 55 1.47 7.73 7.60
CA GLN C 55 2.10 9.04 7.38
C GLN C 55 1.86 9.98 8.55
N ILE C 56 0.63 9.99 9.09
CA ILE C 56 0.35 10.88 10.24
C ILE C 56 1.13 10.42 11.47
N ALA C 57 1.28 9.13 11.71
CA ALA C 57 2.11 8.72 12.87
C ALA C 57 3.53 9.27 12.75
N VAL C 58 4.11 9.14 11.56
CA VAL C 58 5.47 9.66 11.38
C VAL C 58 5.46 11.19 11.43
N ALA C 59 4.42 11.84 10.90
CA ALA C 59 4.34 13.30 10.97
C ALA C 59 4.19 13.81 12.40
N GLU C 60 3.47 13.08 13.28
CA GLU C 60 3.38 13.45 14.68
C GLU C 60 4.75 13.37 15.33
N VAL C 61 5.49 12.30 15.11
CA VAL C 61 6.84 12.21 15.64
C VAL C 61 7.69 13.37 15.12
N THR C 62 7.59 13.67 13.83
CA THR C 62 8.37 14.76 13.21
C THR C 62 8.02 16.09 13.87
N ARG C 63 6.73 16.41 14.01
CA ARG C 63 6.24 17.65 14.62
C ARG C 63 6.68 17.79 16.06
N LEU C 64 6.70 16.71 16.84
CA LEU C 64 7.09 16.79 18.23
C LEU C 64 8.58 17.08 18.29
N ARG C 65 9.36 16.57 17.33
CA ARG C 65 10.78 16.83 17.37
C ARG C 65 11.12 18.22 16.85
N GLN C 66 10.54 18.64 15.74
CA GLN C 66 11.06 19.83 15.08
C GLN C 66 10.00 20.89 14.99
N GLY C 67 8.77 20.68 15.45
CA GLY C 67 7.79 21.76 15.32
C GLY C 67 7.06 21.69 13.99
N TRP C 68 6.15 22.64 13.83
CA TRP C 68 5.35 22.75 12.62
C TRP C 68 6.08 23.36 11.43
N GLY C 69 7.33 23.78 11.61
CA GLY C 69 8.00 24.46 10.51
C GLY C 69 8.36 23.54 9.35
N ALA C 70 8.14 22.23 9.50
CA ALA C 70 8.23 21.31 8.38
C ALA C 70 7.15 21.61 7.34
N TRP C 71 6.09 22.31 7.78
CA TRP C 71 5.00 22.69 6.91
C TRP C 71 4.79 24.18 7.10
N PRO C 72 5.76 24.98 6.61
CA PRO C 72 5.89 26.39 7.07
C PRO C 72 4.76 27.29 6.61
N VAL C 73 4.01 26.91 5.61
CA VAL C 73 2.79 27.61 5.19
C VAL C 73 1.55 26.83 5.63
N CYS C 74 1.48 25.54 5.28
CA CYS C 74 0.20 24.87 5.46
C CYS C 74 -0.19 24.61 6.91
N ALA C 75 0.76 24.33 7.81
CA ALA C 75 0.41 24.14 9.21
C ALA C 75 -0.09 25.43 9.81
N ALA C 76 0.64 26.53 9.59
CA ALA C 76 0.23 27.79 10.16
C ALA C 76 -1.15 28.19 9.66
N ARG C 77 -1.41 27.98 8.38
CA ARG C 77 -2.69 28.40 7.78
C ARG C 77 -3.82 27.51 8.27
N ALA C 78 -3.50 26.32 8.76
CA ALA C 78 -4.46 25.40 9.32
C ALA C 78 -4.71 25.72 10.80
N GLY C 79 -3.86 26.59 11.34
CA GLY C 79 -3.95 27.14 12.68
C GLY C 79 -3.11 26.31 13.64
N ALA C 80 -2.19 25.49 13.17
CA ALA C 80 -1.44 24.43 13.80
C ALA C 80 -1.12 24.77 15.25
N ARG C 81 -0.98 23.75 16.07
CA ARG C 81 -1.00 23.63 17.50
C ARG C 81 0.25 23.00 18.10
N SER D 2 -32.40 9.80 5.75
CA SER D 2 -31.03 9.99 6.20
C SER D 2 -30.41 11.22 5.56
N ILE D 3 -29.57 11.93 6.29
CA ILE D 3 -28.80 13.02 5.77
C ILE D 3 -27.96 12.60 4.57
N TRP D 4 -27.45 11.34 4.58
CA TRP D 4 -26.62 11.00 3.44
C TRP D 4 -27.42 10.85 2.17
N ASP D 5 -28.67 10.43 2.26
CA ASP D 5 -29.51 10.37 1.06
C ASP D 5 -29.79 11.78 0.56
N ALA D 6 -29.90 12.75 1.47
CA ALA D 6 -30.14 14.15 1.08
C ALA D 6 -28.89 14.63 0.35
N ILE D 7 -27.73 14.32 0.90
CA ILE D 7 -26.50 14.78 0.28
C ILE D 7 -26.30 14.06 -1.07
N ALA D 8 -26.56 12.78 -1.16
CA ALA D 8 -26.41 12.10 -2.45
C ALA D 8 -27.45 12.60 -3.42
N GLY D 9 -28.63 13.05 -2.99
CA GLY D 9 -29.58 13.65 -3.89
C GLY D 9 -28.98 14.87 -4.57
N CYS D 10 -28.26 15.69 -3.83
CA CYS D 10 -27.68 16.93 -4.34
C CYS D 10 -26.39 16.64 -5.10
N GLU D 11 -25.58 15.69 -4.62
CA GLU D 11 -24.30 15.44 -5.25
C GLU D 11 -24.40 14.60 -6.52
N ALA D 12 -25.34 13.68 -6.56
CA ALA D 12 -25.36 12.59 -7.52
C ALA D 12 -26.73 12.20 -8.00
N GLY D 13 -27.74 13.03 -7.71
CA GLY D 13 -29.09 12.71 -8.07
C GLY D 13 -29.57 11.45 -7.40
N GLY D 14 -28.99 11.08 -6.25
CA GLY D 14 -29.43 9.85 -5.60
C GLY D 14 -28.81 8.56 -6.12
N ASN D 15 -27.89 8.70 -7.08
CA ASN D 15 -27.34 7.49 -7.68
C ASN D 15 -26.02 7.05 -7.05
N TRP D 16 -26.02 6.03 -6.20
CA TRP D 16 -24.85 5.66 -5.44
C TRP D 16 -23.82 4.99 -6.32
N ALA D 17 -24.12 4.56 -7.54
CA ALA D 17 -23.19 3.94 -8.47
C ALA D 17 -22.72 4.92 -9.55
N ILE D 18 -22.96 6.22 -9.37
CA ILE D 18 -22.66 7.15 -10.48
C ILE D 18 -21.18 7.21 -10.74
N ASN D 19 -20.87 7.29 -12.05
CA ASN D 19 -19.50 7.44 -12.51
C ASN D 19 -19.57 8.09 -13.90
N THR D 20 -19.53 9.41 -13.90
CA THR D 20 -19.68 10.16 -15.16
C THR D 20 -18.36 10.55 -15.78
N GLY D 21 -17.26 10.07 -15.23
CA GLY D 21 -15.95 10.33 -15.78
C GLY D 21 -15.39 11.67 -15.43
N ASN D 22 -15.90 12.28 -14.35
CA ASN D 22 -15.55 13.64 -13.97
C ASN D 22 -14.50 13.69 -12.86
N GLY D 23 -13.92 12.57 -12.49
CA GLY D 23 -12.91 12.55 -11.43
C GLY D 23 -13.52 12.25 -10.07
N TYR D 24 -14.83 12.15 -9.97
CA TYR D 24 -15.54 11.86 -8.73
C TYR D 24 -16.46 10.66 -8.90
N TYR D 25 -16.70 9.94 -7.82
CA TYR D 25 -17.33 8.64 -7.90
C TYR D 25 -18.34 8.43 -6.79
N GLY D 26 -19.47 7.84 -7.14
CA GLY D 26 -20.49 7.40 -6.23
C GLY D 26 -21.38 8.49 -5.70
N GLY D 27 -22.25 8.11 -4.79
CA GLY D 27 -23.34 8.92 -4.30
C GLY D 27 -22.93 10.23 -3.68
N VAL D 28 -21.76 10.25 -3.03
CA VAL D 28 -21.36 11.53 -2.41
C VAL D 28 -20.08 12.01 -3.12
N GLN D 29 -19.77 11.51 -4.30
CA GLN D 29 -18.79 12.09 -5.22
C GLN D 29 -17.41 12.24 -4.62
N PHE D 30 -16.92 11.16 -4.01
CA PHE D 30 -15.51 11.11 -3.64
C PHE D 30 -14.56 11.16 -4.84
N ASP D 31 -13.49 11.95 -4.73
CA ASP D 31 -12.38 11.77 -5.65
C ASP D 31 -11.59 10.56 -5.13
N GLN D 32 -10.68 10.06 -5.95
CA GLN D 32 -9.96 8.84 -5.62
C GLN D 32 -9.05 9.05 -4.42
N GLY D 33 -8.41 10.22 -4.30
CA GLY D 33 -7.49 10.38 -3.16
C GLY D 33 -8.26 10.40 -1.86
N THR D 34 -9.48 10.96 -1.80
CA THR D 34 -10.27 11.00 -0.57
C THR D 34 -10.79 9.64 -0.22
N TRP D 35 -11.22 8.89 -1.24
CA TRP D 35 -11.72 7.51 -1.02
C TRP D 35 -10.61 6.68 -0.38
N GLU D 36 -9.40 6.72 -0.97
CA GLU D 36 -8.29 5.91 -0.46
C GLU D 36 -7.82 6.40 0.91
N ALA D 37 -7.67 7.73 1.06
CA ALA D 37 -7.20 8.26 2.32
C ALA D 37 -8.06 7.84 3.49
N ASN D 38 -9.39 7.69 3.27
CA ASN D 38 -10.31 7.47 4.38
C ASN D 38 -10.74 6.02 4.47
N GLY D 39 -9.95 5.12 3.84
CA GLY D 39 -10.14 3.70 4.16
C GLY D 39 -10.93 2.96 3.10
N GLY D 40 -11.39 3.64 2.06
CA GLY D 40 -12.32 3.04 1.11
C GLY D 40 -11.81 1.83 0.39
N LEU D 41 -10.49 1.69 0.21
CA LEU D 41 -10.01 0.52 -0.56
C LEU D 41 -10.24 -0.77 0.20
N ARG D 42 -10.47 -0.69 1.49
CA ARG D 42 -10.84 -1.94 2.19
C ARG D 42 -12.17 -2.49 1.67
N TYR D 43 -13.02 -1.61 1.10
CA TYR D 43 -14.34 -2.06 0.62
C TYR D 43 -14.39 -2.31 -0.89
N ALA D 44 -13.83 -1.44 -1.70
CA ALA D 44 -13.91 -1.50 -3.16
C ALA D 44 -12.83 -0.58 -3.73
N PRO D 45 -12.42 -0.82 -4.95
CA PRO D 45 -11.33 -0.02 -5.51
C PRO D 45 -11.67 1.45 -5.74
N ARG D 46 -12.95 1.82 -5.81
CA ARG D 46 -13.47 3.16 -6.00
C ARG D 46 -14.79 3.33 -5.24
N ALA D 47 -15.16 4.54 -4.85
CA ALA D 47 -16.41 4.70 -4.11
C ALA D 47 -17.61 4.18 -4.84
N ASP D 48 -17.69 4.36 -6.18
CA ASP D 48 -18.94 3.95 -6.87
C ASP D 48 -19.10 2.45 -6.91
N LEU D 49 -18.02 1.71 -6.66
CA LEU D 49 -18.08 0.24 -6.67
C LEU D 49 -18.41 -0.32 -5.30
N ALA D 50 -18.50 0.48 -4.26
CA ALA D 50 -18.82 0.07 -2.93
C ALA D 50 -20.34 0.21 -2.74
N THR D 51 -20.88 -0.52 -1.76
CA THR D 51 -22.31 -0.35 -1.48
C THR D 51 -22.60 1.04 -0.91
N ARG D 52 -23.87 1.47 -0.91
CA ARG D 52 -24.30 2.70 -0.26
C ARG D 52 -23.78 2.72 1.16
N GLU D 53 -23.95 1.62 1.90
CA GLU D 53 -23.58 1.65 3.31
C GLU D 53 -22.07 1.74 3.46
N GLU D 54 -21.30 1.06 2.61
CA GLU D 54 -19.84 1.25 2.66
C GLU D 54 -19.44 2.69 2.34
N GLN D 55 -20.10 3.26 1.30
CA GLN D 55 -19.73 4.67 0.98
C GLN D 55 -20.05 5.58 2.15
N ILE D 56 -21.20 5.35 2.81
CA ILE D 56 -21.51 6.21 3.99
C ILE D 56 -20.53 6.01 5.10
N ALA D 57 -20.09 4.77 5.34
CA ALA D 57 -19.10 4.54 6.40
C ALA D 57 -17.84 5.36 6.13
N VAL D 58 -17.37 5.37 4.87
CA VAL D 58 -16.19 6.19 4.56
C VAL D 58 -16.51 7.67 4.67
N ALA D 59 -17.71 8.07 4.26
CA ALA D 59 -18.12 9.46 4.32
C ALA D 59 -18.17 9.93 5.79
N GLU D 60 -18.60 9.04 6.70
CA GLU D 60 -18.64 9.40 8.11
C GLU D 60 -17.25 9.61 8.67
N VAL D 61 -16.27 8.80 8.33
CA VAL D 61 -14.89 9.00 8.81
C VAL D 61 -14.33 10.25 8.17
N THR D 62 -14.60 10.49 6.90
CA THR D 62 -14.13 11.71 6.21
C THR D 62 -14.70 12.95 6.88
N ARG D 63 -16.00 12.92 7.18
CA ARG D 63 -16.62 14.07 7.87
C ARG D 63 -15.99 14.28 9.23
N LEU D 64 -15.71 13.21 9.96
CA LEU D 64 -15.08 13.34 11.26
C LEU D 64 -13.79 14.15 11.12
N ARG D 65 -13.07 13.83 10.03
CA ARG D 65 -11.72 14.40 9.87
C ARG D 65 -11.72 15.72 9.17
N GLN D 66 -12.67 16.02 8.28
CA GLN D 66 -12.62 17.25 7.48
C GLN D 66 -13.77 18.21 7.71
N GLY D 67 -14.78 17.73 8.41
CA GLY D 67 -16.01 18.48 8.58
C GLY D 67 -16.94 18.33 7.37
N TRP D 68 -18.11 18.94 7.54
CA TRP D 68 -19.17 18.88 6.51
C TRP D 68 -18.79 19.64 5.24
N GLY D 69 -17.89 20.60 5.45
CA GLY D 69 -17.33 21.44 4.41
C GLY D 69 -16.69 20.64 3.29
N ALA D 70 -16.40 19.37 3.48
CA ALA D 70 -15.93 18.48 2.42
C ALA D 70 -16.95 18.43 1.29
N TRP D 71 -18.23 18.60 1.54
CA TRP D 71 -19.30 18.76 0.57
C TRP D 71 -19.86 20.19 0.70
N PRO D 72 -19.18 21.13 0.05
CA PRO D 72 -19.25 22.56 0.40
C PRO D 72 -20.55 23.21 -0.04
N VAL D 73 -21.32 22.51 -0.87
CA VAL D 73 -22.67 22.99 -1.22
C VAL D 73 -23.75 22.07 -0.66
N CYS D 74 -23.60 20.78 -0.92
CA CYS D 74 -24.67 19.86 -0.64
C CYS D 74 -24.91 19.61 0.84
N ALA D 75 -23.87 19.64 1.66
CA ALA D 75 -24.09 19.39 3.07
C ALA D 75 -24.97 20.50 3.66
N ALA D 76 -24.73 21.75 3.28
CA ALA D 76 -25.50 22.80 3.96
C ALA D 76 -26.92 22.74 3.41
N ARG D 77 -26.95 22.47 2.11
CA ARG D 77 -28.24 22.36 1.41
C ARG D 77 -29.11 21.29 2.03
N ALA D 78 -28.52 20.17 2.44
CA ALA D 78 -29.26 19.13 3.14
C ALA D 78 -29.50 19.45 4.60
N GLY D 79 -28.99 20.58 5.10
CA GLY D 79 -29.27 20.90 6.50
C GLY D 79 -28.16 20.50 7.43
N ALA D 80 -27.01 20.02 6.95
CA ALA D 80 -25.90 19.70 7.87
C ALA D 80 -24.75 20.71 7.72
N ARG D 81 -23.95 20.77 8.75
CA ARG D 81 -23.17 21.76 9.42
C ARG D 81 -21.71 21.84 8.96
#